data_6XL3
#
_entry.id   6XL3
#
_cell.length_a   108.911
_cell.length_b   108.911
_cell.length_c   116.074
_cell.angle_alpha   90.000
_cell.angle_beta   90.000
_cell.angle_gamma   120.000
#
_symmetry.space_group_name_H-M   'P 3 2 1'
#
loop_
_entity.id
_entity.type
_entity.pdbx_description
1 polymer 'Mastigocladopsis repens rhodopsin chloride pump'
2 non-polymer RETINAL
3 non-polymer 'CHLORIDE ION'
4 non-polymer TETRADECANE
5 non-polymer 'octyl beta-D-glucopyranoside'
6 non-polymer DECANE
7 water water
#
_entity_poly.entity_id   1
_entity_poly.type   'polypeptide(L)'
_entity_poly.pdbx_seq_one_letter_code
;MTQAWLWIGVISMALGSVFFGFGAHNAKNERWQILYTLNFFICLIAAGLYLAMALGLGVNVINGRPTYWVRFVTWFCSTP
LLLLDLTFLGRTSLPLTGSLLGANAYMLVTGFVATVTPKPMSYIWYIVSCAAYLAIVYLLAQPYRIAAERKHPRSKQAFR
TLVTVHLVLWTLYPIVWILSPEGFSTFTQGSETMFYTLLDIASKVGFGFLSLNTLHTLEQATEPARETHLSYLEHHHHHH
;
_entity_poly.pdbx_strand_id   A,B
#
# COMPACT_ATOMS: atom_id res chain seq x y z
N MET A 1 -7.62 -10.67 0.53
CA MET A 1 -7.82 -11.07 -0.87
C MET A 1 -6.49 -11.03 -1.62
N THR A 2 -5.82 -9.88 -1.56
CA THR A 2 -4.48 -9.79 -2.12
C THR A 2 -3.54 -10.77 -1.42
N GLN A 3 -3.52 -10.77 -0.10
CA GLN A 3 -2.64 -11.70 0.63
C GLN A 3 -2.99 -13.15 0.33
N ALA A 4 -4.29 -13.47 0.29
CA ALA A 4 -4.70 -14.85 0.03
C ALA A 4 -4.18 -15.32 -1.32
N TRP A 5 -4.35 -14.49 -2.36
CA TRP A 5 -3.90 -14.87 -3.68
C TRP A 5 -2.38 -14.92 -3.80
N LEU A 6 -1.66 -14.10 -3.02
CA LEU A 6 -0.21 -14.21 -3.06
C LEU A 6 0.24 -15.54 -2.46
N TRP A 7 -0.45 -15.99 -1.42
CA TRP A 7 -0.05 -17.25 -0.81
C TRP A 7 -0.44 -18.44 -1.68
N ILE A 8 -1.53 -18.31 -2.46
CA ILE A 8 -1.87 -19.33 -3.44
C ILE A 8 -0.76 -19.42 -4.49
N GLY A 9 -0.23 -18.26 -4.88
CA GLY A 9 0.90 -18.24 -5.79
C GLY A 9 2.12 -18.94 -5.22
N VAL A 10 2.49 -18.62 -3.98
CA VAL A 10 3.61 -19.30 -3.34
C VAL A 10 3.45 -20.81 -3.46
N ILE A 11 2.27 -21.31 -3.08
CA ILE A 11 2.07 -22.75 -2.95
C ILE A 11 2.03 -23.40 -4.33
N SER A 12 1.28 -22.81 -5.26
CA SER A 12 1.18 -23.37 -6.60
C SER A 12 2.54 -23.45 -7.27
N MET A 13 3.35 -22.39 -7.16
CA MET A 13 4.67 -22.39 -7.80
C MET A 13 5.62 -23.33 -7.10
N ALA A 14 5.56 -23.38 -5.77
CA ALA A 14 6.44 -24.29 -5.06
C ALA A 14 6.08 -25.74 -5.38
N LEU A 15 4.78 -26.05 -5.48
CA LEU A 15 4.36 -27.38 -5.93
C LEU A 15 4.89 -27.67 -7.33
N GLY A 16 4.70 -26.72 -8.25
CA GLY A 16 5.22 -26.91 -9.59
C GLY A 16 6.72 -27.13 -9.60
N SER A 17 7.44 -26.40 -8.75
CA SER A 17 8.90 -26.59 -8.64
C SER A 17 9.22 -28.02 -8.25
N VAL A 18 8.52 -28.53 -7.25
CA VAL A 18 8.79 -29.86 -6.72
C VAL A 18 8.56 -30.91 -7.80
N PHE A 19 7.48 -30.80 -8.57
CA PHE A 19 7.22 -31.80 -9.60
C PHE A 19 8.27 -31.77 -10.69
N PHE A 20 8.57 -30.58 -11.23
CA PHE A 20 9.58 -30.52 -12.30
C PHE A 20 10.96 -30.88 -11.78
N GLY A 21 11.27 -30.55 -10.52
CA GLY A 21 12.57 -30.92 -9.97
C GLY A 21 12.76 -32.43 -9.91
N PHE A 22 11.80 -33.13 -9.29
CA PHE A 22 11.77 -34.59 -9.38
C PHE A 22 11.84 -35.08 -10.82
N GLY A 23 11.07 -34.45 -11.71
CA GLY A 23 11.13 -34.82 -13.11
C GLY A 23 12.51 -34.69 -13.70
N ALA A 24 13.23 -33.62 -13.32
CA ALA A 24 14.57 -33.42 -13.86
C ALA A 24 15.52 -34.50 -13.35
N HIS A 25 15.40 -34.85 -12.07
CA HIS A 25 16.27 -35.87 -11.50
C HIS A 25 16.04 -37.24 -12.11
N ASN A 26 14.81 -37.55 -12.52
CA ASN A 26 14.47 -38.86 -13.09
C ASN A 26 14.42 -38.86 -14.61
N ALA A 27 14.88 -37.79 -15.28
CA ALA A 27 14.64 -37.66 -16.71
C ALA A 27 15.28 -38.81 -17.50
N LYS A 28 14.59 -39.19 -18.57
CA LYS A 28 14.99 -40.32 -19.39
C LYS A 28 16.35 -40.05 -20.06
N ASN A 29 16.43 -38.94 -20.79
CA ASN A 29 17.61 -38.59 -21.58
C ASN A 29 17.89 -37.11 -21.37
N GLU A 30 18.83 -36.57 -22.15
CA GLU A 30 19.18 -35.15 -22.00
C GLU A 30 18.04 -34.23 -22.42
N ARG A 31 17.24 -34.64 -23.41
CA ARG A 31 16.17 -33.77 -23.88
C ARG A 31 15.08 -33.62 -22.82
N TRP A 32 14.71 -34.71 -22.16
CA TRP A 32 13.75 -34.59 -21.06
C TRP A 32 14.34 -33.81 -19.90
N GLN A 33 15.63 -34.02 -19.63
CA GLN A 33 16.30 -33.28 -18.58
C GLN A 33 16.33 -31.79 -18.87
N ILE A 34 16.54 -31.43 -20.13
CA ILE A 34 16.55 -30.01 -20.48
C ILE A 34 15.18 -29.40 -20.21
N LEU A 35 14.12 -30.06 -20.70
CA LEU A 35 12.81 -29.45 -20.60
C LEU A 35 12.30 -29.41 -19.16
N TYR A 36 12.61 -30.43 -18.35
CA TYR A 36 12.21 -30.37 -16.93
C TYR A 36 12.99 -29.30 -16.18
N THR A 37 14.28 -29.17 -16.50
CA THR A 37 15.09 -28.15 -15.85
C THR A 37 14.58 -26.75 -16.19
N LEU A 38 14.23 -26.51 -17.46
CA LEU A 38 13.64 -25.23 -17.80
C LEU A 38 12.43 -24.93 -16.92
N ASN A 39 11.47 -25.86 -16.90
CA ASN A 39 10.24 -25.62 -16.15
C ASN A 39 10.47 -25.62 -14.64
N PHE A 40 11.47 -26.32 -14.15
CA PHE A 40 11.77 -26.22 -12.73
C PHE A 40 12.16 -24.79 -12.35
N PHE A 41 13.00 -24.15 -13.17
CA PHE A 41 13.49 -22.82 -12.80
C PHE A 41 12.41 -21.77 -13.02
N ILE A 42 11.57 -21.94 -14.04
CA ILE A 42 10.43 -21.04 -14.23
C ILE A 42 9.59 -20.99 -12.95
N CYS A 43 9.26 -22.15 -12.40
CA CYS A 43 8.40 -22.21 -11.23
C CYS A 43 9.14 -21.80 -9.95
N LEU A 44 10.41 -22.15 -9.84
CA LEU A 44 11.19 -21.74 -8.67
C LEU A 44 11.29 -20.22 -8.60
N ILE A 45 11.54 -19.57 -9.75
CA ILE A 45 11.64 -18.12 -9.79
C ILE A 45 10.32 -17.50 -9.37
N ALA A 46 9.21 -17.98 -9.95
CA ALA A 46 7.89 -17.46 -9.59
C ALA A 46 7.57 -17.73 -8.13
N ALA A 47 8.06 -18.84 -7.57
CA ALA A 47 7.82 -19.10 -6.15
C ALA A 47 8.54 -18.08 -5.29
N GLY A 48 9.76 -17.71 -5.68
CA GLY A 48 10.46 -16.64 -4.98
C GLY A 48 9.75 -15.31 -5.12
N LEU A 49 9.29 -15.00 -6.34
CA LEU A 49 8.46 -13.82 -6.55
C LEU A 49 7.30 -13.76 -5.57
N TYR A 50 6.50 -14.83 -5.53
CA TYR A 50 5.30 -14.79 -4.71
C TYR A 50 5.64 -14.78 -3.23
N LEU A 51 6.72 -15.46 -2.85
CA LEU A 51 7.17 -15.36 -1.47
C LEU A 51 7.50 -13.92 -1.12
N ALA A 52 8.20 -13.21 -2.03
CA ALA A 52 8.62 -11.85 -1.69
C ALA A 52 7.43 -10.92 -1.58
N MET A 53 6.51 -11.00 -2.54
CA MET A 53 5.30 -10.20 -2.52
C MET A 53 4.44 -10.50 -1.29
N ALA A 54 4.31 -11.79 -0.94
CA ALA A 54 3.50 -12.15 0.21
C ALA A 54 4.09 -11.59 1.50
N LEU A 55 5.41 -11.48 1.58
CA LEU A 55 6.04 -10.93 2.77
C LEU A 55 6.20 -9.42 2.69
N GLY A 56 5.59 -8.77 1.70
CA GLY A 56 5.67 -7.33 1.64
C GLY A 56 6.92 -6.78 1.01
N LEU A 57 7.64 -7.57 0.21
CA LEU A 57 8.83 -7.08 -0.49
C LEU A 57 8.51 -6.77 -1.95
N GLY A 58 9.31 -5.88 -2.53
CA GLY A 58 9.17 -5.52 -3.92
C GLY A 58 7.91 -4.76 -4.26
N VAL A 59 7.35 -4.04 -3.30
CA VAL A 59 6.13 -3.28 -3.50
C VAL A 59 6.32 -1.91 -2.86
N ASN A 60 6.09 -0.85 -3.65
CA ASN A 60 6.20 0.52 -3.17
C ASN A 60 5.01 1.29 -3.70
N VAL A 61 4.71 2.40 -3.03
CA VAL A 61 3.61 3.26 -3.43
C VAL A 61 4.08 4.07 -4.64
N ILE A 62 3.47 3.82 -5.80
CA ILE A 62 3.80 4.48 -7.06
C ILE A 62 2.50 5.01 -7.63
N ASN A 63 2.47 6.31 -7.96
CA ASN A 63 1.25 6.95 -8.46
C ASN A 63 0.11 6.79 -7.46
N GLY A 64 0.42 6.97 -6.18
CA GLY A 64 -0.60 6.83 -5.15
C GLY A 64 -1.07 5.42 -4.85
N ARG A 65 -0.50 4.38 -5.48
CA ARG A 65 -0.96 3.01 -5.26
C ARG A 65 0.22 2.13 -4.87
N PRO A 66 0.02 1.22 -3.92
CA PRO A 66 1.00 0.14 -3.72
C PRO A 66 1.12 -0.65 -5.00
N THR A 67 2.35 -0.81 -5.50
CA THR A 67 2.60 -1.37 -6.82
C THR A 67 3.66 -2.45 -6.75
N TYR A 68 3.31 -3.65 -7.20
CA TYR A 68 4.22 -4.79 -7.06
C TYR A 68 5.21 -4.82 -8.24
N TRP A 69 6.11 -3.84 -8.24
CA TRP A 69 7.07 -3.70 -9.34
C TRP A 69 8.01 -4.89 -9.46
N VAL A 70 8.19 -5.68 -8.39
CA VAL A 70 9.13 -6.80 -8.45
C VAL A 70 8.73 -7.84 -9.49
N ARG A 71 7.44 -7.90 -9.84
CA ARG A 71 7.01 -8.85 -10.89
C ARG A 71 7.88 -8.72 -12.15
N PHE A 72 8.28 -7.49 -12.49
CA PHE A 72 9.10 -7.31 -13.69
C PHE A 72 10.49 -7.88 -13.51
N VAL A 73 11.04 -7.82 -12.30
CA VAL A 73 12.35 -8.40 -12.05
C VAL A 73 12.33 -9.90 -12.34
N THR A 74 11.33 -10.61 -11.79
CA THR A 74 11.32 -12.07 -11.92
C THR A 74 10.77 -12.50 -13.28
N TRP A 75 9.74 -11.82 -13.79
CA TRP A 75 9.28 -12.06 -15.15
C TRP A 75 10.43 -11.97 -16.14
N PHE A 76 11.33 -11.01 -15.92
CA PHE A 76 12.47 -10.85 -16.82
C PHE A 76 13.32 -12.12 -16.89
N CYS A 77 13.35 -12.90 -15.82
CA CYS A 77 14.16 -14.11 -15.73
C CYS A 77 13.40 -15.37 -16.14
N SER A 78 12.11 -15.44 -15.81
CA SER A 78 11.32 -16.65 -16.05
C SER A 78 10.69 -16.69 -17.45
N THR A 79 10.26 -15.55 -17.99
CA THR A 79 9.60 -15.59 -19.30
C THR A 79 10.55 -15.97 -20.45
N PRO A 80 11.83 -15.56 -20.45
CA PRO A 80 12.74 -16.11 -21.48
C PRO A 80 12.87 -17.62 -21.40
N LEU A 81 12.78 -18.19 -20.20
CA LEU A 81 12.82 -19.64 -20.08
C LEU A 81 11.57 -20.28 -20.67
N LEU A 82 10.42 -19.64 -20.51
CA LEU A 82 9.21 -20.11 -21.19
C LEU A 82 9.40 -20.10 -22.70
N LEU A 83 9.91 -18.99 -23.25
CA LEU A 83 10.15 -18.92 -24.67
C LEU A 83 11.16 -19.98 -25.11
N LEU A 84 12.10 -20.32 -24.23
CA LEU A 84 13.03 -21.38 -24.57
C LEU A 84 12.35 -22.75 -24.57
N ASP A 85 11.30 -22.95 -23.76
CA ASP A 85 10.49 -24.15 -23.92
C ASP A 85 10.07 -24.32 -25.38
N LEU A 86 9.58 -23.24 -25.98
CA LEU A 86 9.07 -23.29 -27.35
C LEU A 86 10.19 -23.53 -28.36
N THR A 87 11.31 -22.81 -28.21
CA THR A 87 12.37 -22.92 -29.21
C THR A 87 13.16 -24.21 -29.06
N PHE A 88 13.22 -24.77 -27.85
CA PHE A 88 13.82 -26.07 -27.68
C PHE A 88 12.97 -27.16 -28.35
N LEU A 89 11.66 -27.13 -28.15
CA LEU A 89 10.80 -28.11 -28.80
C LEU A 89 10.75 -27.90 -30.32
N GLY A 90 10.71 -26.65 -30.76
CA GLY A 90 10.65 -26.40 -32.18
C GLY A 90 11.96 -26.56 -32.89
N ARG A 91 13.07 -26.65 -32.14
CA ARG A 91 14.42 -26.58 -32.71
C ARG A 91 14.57 -25.33 -33.59
N THR A 92 14.16 -24.20 -33.01
CA THR A 92 14.16 -22.92 -33.70
C THR A 92 15.57 -22.42 -33.97
N SER A 93 15.72 -21.71 -35.08
CA SER A 93 17.02 -21.19 -35.48
C SER A 93 17.56 -20.17 -34.47
N LEU A 94 18.86 -19.92 -34.57
CA LEU A 94 19.53 -18.94 -33.72
C LEU A 94 18.96 -17.53 -33.84
N PRO A 95 18.86 -16.92 -35.04
CA PRO A 95 18.34 -15.54 -35.07
C PRO A 95 16.90 -15.44 -34.61
N LEU A 96 16.07 -16.45 -34.88
CA LEU A 96 14.67 -16.39 -34.47
C LEU A 96 14.55 -16.55 -32.95
N THR A 97 15.40 -17.38 -32.35
CA THR A 97 15.41 -17.51 -30.90
C THR A 97 15.85 -16.21 -30.24
N GLY A 98 16.89 -15.57 -30.77
CA GLY A 98 17.31 -14.28 -30.21
C GLY A 98 16.26 -13.20 -30.40
N SER A 99 15.59 -13.21 -31.56
CA SER A 99 14.51 -12.26 -31.77
C SER A 99 13.39 -12.43 -30.74
N LEU A 100 13.00 -13.68 -30.47
CA LEU A 100 11.99 -13.91 -29.44
C LEU A 100 12.45 -13.40 -28.09
N LEU A 101 13.71 -13.71 -27.74
CA LEU A 101 14.26 -13.29 -26.46
C LEU A 101 14.43 -11.79 -26.41
N GLY A 102 14.92 -11.19 -27.49
CA GLY A 102 15.10 -9.75 -27.50
C GLY A 102 13.79 -8.99 -27.39
N ALA A 103 12.82 -9.36 -28.22
CA ALA A 103 11.49 -8.73 -28.18
C ALA A 103 10.86 -8.86 -26.80
N ASN A 104 11.02 -10.04 -26.19
CA ASN A 104 10.45 -10.27 -24.86
C ASN A 104 11.05 -9.34 -23.82
N ALA A 105 12.39 -9.23 -23.82
CA ALA A 105 13.07 -8.35 -22.87
C ALA A 105 12.67 -6.90 -23.08
N TYR A 106 12.60 -6.46 -24.34
CA TYR A 106 12.12 -5.11 -24.66
C TYR A 106 10.72 -4.89 -24.11
N MET A 107 9.84 -5.87 -24.33
CA MET A 107 8.46 -5.79 -23.82
C MET A 107 8.44 -5.58 -22.31
N LEU A 108 9.27 -6.32 -21.57
CA LEU A 108 9.19 -6.22 -20.13
C LEU A 108 9.78 -4.91 -19.63
N VAL A 109 10.89 -4.46 -20.23
CA VAL A 109 11.51 -3.21 -19.76
C VAL A 109 10.57 -2.03 -20.02
N THR A 110 10.01 -1.95 -21.24
CA THR A 110 9.10 -0.82 -21.51
C THR A 110 7.78 -0.98 -20.75
N GLY A 111 7.35 -2.22 -20.50
CA GLY A 111 6.22 -2.43 -19.60
C GLY A 111 6.54 -1.99 -18.17
N PHE A 112 7.77 -2.25 -17.71
CA PHE A 112 8.15 -1.74 -16.41
C PHE A 112 8.09 -0.22 -16.39
N VAL A 113 8.58 0.43 -17.46
CA VAL A 113 8.50 1.89 -17.51
C VAL A 113 7.05 2.36 -17.47
N ALA A 114 6.17 1.68 -18.22
CA ALA A 114 4.75 2.04 -18.21
C ALA A 114 4.16 1.96 -16.80
N THR A 115 4.61 0.99 -16.01
CA THR A 115 4.01 0.73 -14.71
C THR A 115 4.46 1.75 -13.67
N VAL A 116 5.67 2.30 -13.79
CA VAL A 116 6.17 3.23 -12.78
C VAL A 116 6.04 4.70 -13.19
N THR A 117 5.55 5.00 -14.40
CA THR A 117 5.39 6.41 -14.79
C THR A 117 3.95 6.87 -14.62
N PRO A 118 3.72 8.17 -14.46
CA PRO A 118 2.34 8.65 -14.29
C PRO A 118 1.59 8.73 -15.62
N LYS A 119 0.27 8.71 -15.51
CA LYS A 119 -0.57 8.98 -16.67
C LYS A 119 -0.47 10.45 -17.06
N PRO A 120 -0.52 10.78 -18.37
CA PRO A 120 -0.75 9.89 -19.52
C PRO A 120 0.50 9.32 -20.15
N MET A 121 1.68 9.75 -19.70
CA MET A 121 2.91 9.27 -20.32
C MET A 121 3.04 7.75 -20.23
N SER A 122 2.52 7.15 -19.16
CA SER A 122 2.51 5.69 -19.02
C SER A 122 1.86 5.00 -20.22
N TYR A 123 0.84 5.63 -20.81
CA TYR A 123 0.18 5.06 -21.99
C TYR A 123 1.12 4.94 -23.17
N ILE A 124 2.06 5.89 -23.32
CA ILE A 124 3.06 5.82 -24.38
C ILE A 124 3.87 4.53 -24.26
N TRP A 125 4.35 4.25 -23.05
CA TRP A 125 5.14 3.05 -22.84
C TRP A 125 4.31 1.80 -22.94
N TYR A 126 3.04 1.84 -22.49
CA TYR A 126 2.13 0.73 -22.69
C TYR A 126 2.01 0.36 -24.17
N ILE A 127 1.88 1.39 -25.03
CA ILE A 127 1.76 1.16 -26.46
C ILE A 127 3.05 0.58 -27.02
N VAL A 128 4.21 1.10 -26.59
CA VAL A 128 5.49 0.55 -27.02
C VAL A 128 5.64 -0.90 -26.56
N SER A 129 5.29 -1.17 -25.29
CA SER A 129 5.37 -2.55 -24.79
C SER A 129 4.46 -3.48 -25.57
N CYS A 130 3.22 -3.06 -25.86
CA CYS A 130 2.31 -3.88 -26.65
C CYS A 130 2.87 -4.14 -28.05
N ALA A 131 3.49 -3.12 -28.65
CA ALA A 131 4.10 -3.30 -29.98
C ALA A 131 5.16 -4.40 -29.94
N ALA A 132 6.01 -4.39 -28.91
CA ALA A 132 6.97 -5.48 -28.73
C ALA A 132 6.26 -6.81 -28.50
N TYR A 133 5.13 -6.80 -27.77
CA TYR A 133 4.37 -8.03 -27.63
C TYR A 133 3.81 -8.51 -28.97
N LEU A 134 3.31 -7.57 -29.80
CA LEU A 134 2.75 -7.97 -31.07
C LEU A 134 3.81 -8.59 -31.97
N ALA A 135 5.06 -8.10 -31.89
CA ALA A 135 6.14 -8.75 -32.61
C ALA A 135 6.30 -10.20 -32.17
N ILE A 136 6.23 -10.46 -30.86
CA ILE A 136 6.30 -11.84 -30.37
C ILE A 136 5.16 -12.66 -30.95
N VAL A 137 3.94 -12.12 -30.92
CA VAL A 137 2.79 -12.84 -31.47
C VAL A 137 3.03 -13.19 -32.93
N TYR A 138 3.51 -12.23 -33.73
CA TYR A 138 3.78 -12.53 -35.13
C TYR A 138 4.89 -13.57 -35.27
N LEU A 139 5.97 -13.43 -34.50
CA LEU A 139 7.09 -14.35 -34.64
C LEU A 139 6.69 -15.78 -34.30
N LEU A 140 5.88 -15.95 -33.25
CA LEU A 140 5.44 -17.29 -32.87
C LEU A 140 4.43 -17.85 -33.86
N ALA A 141 3.47 -17.02 -34.29
CA ALA A 141 2.38 -17.52 -35.12
C ALA A 141 2.80 -17.76 -36.57
N GLN A 142 3.86 -17.11 -37.04
CA GLN A 142 4.26 -17.32 -38.43
C GLN A 142 5.65 -17.96 -38.50
N PRO A 143 6.79 -17.23 -38.45
CA PRO A 143 8.06 -17.94 -38.72
C PRO A 143 8.38 -19.06 -37.73
N TYR A 144 8.07 -18.90 -36.44
CA TYR A 144 8.38 -19.98 -35.51
C TYR A 144 7.57 -21.23 -35.83
N ARG A 145 6.27 -21.06 -36.05
CA ARG A 145 5.38 -22.19 -36.26
C ARG A 145 5.68 -22.88 -37.59
N ILE A 146 5.87 -22.10 -38.64
CA ILE A 146 6.13 -22.65 -39.97
C ILE A 146 7.40 -23.48 -39.97
N ALA A 147 8.49 -22.94 -39.43
CA ALA A 147 9.72 -23.72 -39.32
C ALA A 147 9.51 -24.96 -38.44
N ALA A 148 8.88 -24.79 -37.29
CA ALA A 148 8.65 -25.93 -36.40
C ALA A 148 7.86 -27.01 -37.12
N GLU A 149 6.88 -26.61 -37.92
CA GLU A 149 6.06 -27.58 -38.65
C GLU A 149 6.87 -28.27 -39.74
N ARG A 150 7.72 -27.54 -40.46
CA ARG A 150 8.56 -28.20 -41.46
C ARG A 150 9.44 -29.26 -40.83
N LYS A 151 9.93 -29.02 -39.61
CA LYS A 151 10.83 -29.98 -38.97
C LYS A 151 10.07 -31.11 -38.27
N HIS A 152 8.80 -30.93 -37.95
CA HIS A 152 7.99 -31.98 -37.32
C HIS A 152 6.76 -32.26 -38.16
N PRO A 153 6.94 -32.73 -39.41
CA PRO A 153 5.80 -32.83 -40.34
C PRO A 153 4.64 -33.67 -39.82
N ARG A 154 4.91 -34.63 -38.94
CA ARG A 154 3.85 -35.47 -38.39
C ARG A 154 3.17 -34.86 -37.17
N SER A 155 3.73 -33.79 -36.58
CA SER A 155 3.22 -33.24 -35.33
C SER A 155 2.76 -31.80 -35.47
N LYS A 156 2.35 -31.39 -36.67
CA LYS A 156 2.01 -30.00 -36.92
C LYS A 156 0.97 -29.47 -35.91
N GLN A 157 0.02 -30.32 -35.51
CA GLN A 157 -1.01 -29.85 -34.60
C GLN A 157 -0.45 -29.58 -33.21
N ALA A 158 0.57 -30.33 -32.79
CA ALA A 158 1.18 -30.12 -31.48
C ALA A 158 1.67 -28.68 -31.34
N PHE A 159 2.34 -28.18 -32.37
CA PHE A 159 2.89 -26.83 -32.31
C PHE A 159 1.80 -25.78 -32.44
N ARG A 160 0.79 -26.03 -33.27
CA ARG A 160 -0.36 -25.12 -33.33
C ARG A 160 -1.01 -24.96 -31.95
N THR A 161 -1.12 -26.05 -31.19
CA THR A 161 -1.71 -25.98 -29.86
C THR A 161 -0.79 -25.21 -28.90
N LEU A 162 0.51 -25.51 -28.92
CA LEU A 162 1.49 -24.80 -28.11
C LEU A 162 1.37 -23.29 -28.28
N VAL A 163 1.41 -22.84 -29.53
CA VAL A 163 1.37 -21.41 -29.81
C VAL A 163 0.03 -20.82 -29.42
N THR A 164 -1.06 -21.55 -29.68
CA THR A 164 -2.38 -21.05 -29.32
C THR A 164 -2.50 -20.82 -27.82
N VAL A 165 -2.15 -21.82 -27.01
CA VAL A 165 -2.23 -21.64 -25.56
C VAL A 165 -1.31 -20.51 -25.11
N HIS A 166 -0.09 -20.47 -25.66
CA HIS A 166 0.83 -19.40 -25.30
C HIS A 166 0.23 -18.01 -25.53
N LEU A 167 -0.26 -17.76 -26.75
CA LEU A 167 -0.74 -16.42 -27.07
C LEU A 167 -2.06 -16.10 -26.38
N VAL A 168 -2.90 -17.10 -26.11
CA VAL A 168 -4.10 -16.83 -25.32
C VAL A 168 -3.73 -16.35 -23.93
N LEU A 169 -2.82 -17.08 -23.28
CA LEU A 169 -2.43 -16.71 -21.93
C LEU A 169 -1.69 -15.38 -21.89
N TRP A 170 -0.71 -15.18 -22.78
CA TRP A 170 0.10 -13.97 -22.67
C TRP A 170 -0.70 -12.73 -23.04
N THR A 171 -1.64 -12.85 -23.97
CA THR A 171 -2.45 -11.69 -24.34
C THR A 171 -3.27 -11.19 -23.17
N LEU A 172 -3.61 -12.06 -22.22
CA LEU A 172 -4.45 -11.60 -21.12
C LEU A 172 -3.69 -10.66 -20.18
N TYR A 173 -2.35 -10.72 -20.16
CA TYR A 173 -1.60 -9.84 -19.25
C TYR A 173 -1.79 -8.36 -19.57
N PRO A 174 -1.60 -7.87 -20.79
CA PRO A 174 -1.82 -6.43 -21.05
C PRO A 174 -3.27 -6.02 -20.93
N ILE A 175 -4.19 -6.97 -21.09
CA ILE A 175 -5.61 -6.70 -20.87
C ILE A 175 -5.86 -6.46 -19.39
N VAL A 176 -5.32 -7.34 -18.54
CA VAL A 176 -5.41 -7.13 -17.09
C VAL A 176 -4.80 -5.79 -16.71
N TRP A 177 -3.61 -5.49 -17.23
CA TRP A 177 -2.93 -4.23 -16.91
C TRP A 177 -3.78 -3.02 -17.28
N ILE A 178 -4.27 -2.95 -18.52
CA ILE A 178 -5.00 -1.76 -18.97
C ILE A 178 -6.34 -1.63 -18.26
N LEU A 179 -6.96 -2.73 -17.85
CA LEU A 179 -8.23 -2.64 -17.14
C LEU A 179 -8.07 -2.40 -15.64
N SER A 180 -6.87 -2.66 -15.10
CA SER A 180 -6.51 -2.46 -13.71
C SER A 180 -6.41 -0.96 -13.41
N PRO A 181 -6.11 -0.54 -12.17
CA PRO A 181 -5.88 0.90 -11.93
C PRO A 181 -4.71 1.48 -12.70
N GLU A 182 -3.86 0.67 -13.32
CA GLU A 182 -2.84 1.23 -14.21
C GLU A 182 -3.47 1.91 -15.40
N GLY A 183 -4.68 1.49 -15.77
CA GLY A 183 -5.40 2.09 -16.89
C GLY A 183 -6.78 2.60 -16.52
N PHE A 184 -7.81 1.82 -16.85
CA PHE A 184 -9.19 2.28 -16.73
C PHE A 184 -9.82 2.04 -15.37
N SER A 185 -9.11 1.38 -14.45
CA SER A 185 -9.61 1.17 -13.09
C SER A 185 -11.00 0.55 -13.06
N THR A 186 -11.19 -0.53 -13.81
CA THR A 186 -12.44 -1.27 -13.76
C THR A 186 -12.47 -2.34 -12.67
N PHE A 187 -11.36 -2.58 -11.96
CA PHE A 187 -11.38 -3.48 -10.81
C PHE A 187 -10.25 -3.11 -9.87
N THR A 188 -10.29 -3.68 -8.67
CA THR A 188 -9.41 -3.36 -7.55
C THR A 188 -8.08 -4.13 -7.64
N GLN A 189 -7.12 -3.70 -6.81
CA GLN A 189 -5.85 -4.40 -6.68
C GLN A 189 -6.07 -5.86 -6.26
N GLY A 190 -7.08 -6.12 -5.42
CA GLY A 190 -7.36 -7.49 -5.02
C GLY A 190 -7.67 -8.38 -6.21
N SER A 191 -8.55 -7.91 -7.09
CA SER A 191 -8.87 -8.67 -8.29
C SER A 191 -7.69 -8.73 -9.25
N GLU A 192 -6.98 -7.60 -9.39
CA GLU A 192 -5.75 -7.55 -10.18
C GLU A 192 -4.77 -8.62 -9.72
N THR A 193 -4.55 -8.72 -8.40
CA THR A 193 -3.69 -9.76 -7.86
C THR A 193 -4.21 -11.14 -8.25
N MET A 194 -5.52 -11.35 -8.14
CA MET A 194 -6.10 -12.63 -8.50
C MET A 194 -5.83 -12.96 -9.97
N PHE A 195 -6.01 -11.98 -10.87
CA PHE A 195 -5.84 -12.26 -12.29
C PHE A 195 -4.39 -12.60 -12.63
N TYR A 196 -3.43 -11.82 -12.11
CA TYR A 196 -2.02 -12.10 -12.41
C TYR A 196 -1.60 -13.43 -11.83
N THR A 197 -2.14 -13.79 -10.66
CA THR A 197 -1.82 -15.08 -10.06
C THR A 197 -2.41 -16.23 -10.86
N LEU A 198 -3.67 -16.11 -11.28
CA LEU A 198 -4.24 -17.12 -12.17
C LEU A 198 -3.43 -17.26 -13.46
N LEU A 199 -3.11 -16.12 -14.09
CA LEU A 199 -2.32 -16.17 -15.33
C LEU A 199 -0.97 -16.80 -15.09
N ASP A 200 -0.26 -16.33 -14.06
CA ASP A 200 1.06 -16.89 -13.78
C ASP A 200 0.99 -18.39 -13.55
N ILE A 201 -0.02 -18.86 -12.82
CA ILE A 201 -0.12 -20.30 -12.57
C ILE A 201 -0.41 -21.03 -13.88
N ALA A 202 -1.30 -20.48 -14.71
CA ALA A 202 -1.61 -21.15 -15.98
C ALA A 202 -0.42 -21.13 -16.93
N SER A 203 0.32 -20.03 -16.96
CA SER A 203 1.33 -19.87 -17.99
C SER A 203 2.67 -20.49 -17.59
N LYS A 204 2.81 -20.90 -16.32
CA LYS A 204 4.03 -21.51 -15.83
C LYS A 204 3.80 -22.97 -15.47
N VAL A 205 2.95 -23.27 -14.47
CA VAL A 205 2.68 -24.67 -14.15
C VAL A 205 1.89 -25.33 -15.27
N GLY A 206 0.77 -24.71 -15.66
CA GLY A 206 -0.04 -25.25 -16.73
C GLY A 206 0.71 -25.42 -18.03
N PHE A 207 1.28 -24.31 -18.54
CA PHE A 207 2.03 -24.39 -19.79
C PHE A 207 3.22 -25.33 -19.66
N GLY A 208 3.85 -25.38 -18.49
CA GLY A 208 4.94 -26.32 -18.27
C GLY A 208 4.52 -27.77 -18.51
N PHE A 209 3.33 -28.15 -18.03
CA PHE A 209 2.84 -29.50 -18.28
C PHE A 209 2.53 -29.71 -19.76
N LEU A 210 1.87 -28.74 -20.39
CA LEU A 210 1.66 -28.80 -21.83
C LEU A 210 2.98 -29.01 -22.59
N SER A 211 4.02 -28.27 -22.22
CA SER A 211 5.28 -28.45 -22.93
C SER A 211 5.79 -29.88 -22.78
N LEU A 212 5.67 -30.47 -21.58
CA LEU A 212 6.10 -31.85 -21.40
C LEU A 212 5.27 -32.81 -22.24
N ASN A 213 3.95 -32.65 -22.24
CA ASN A 213 3.09 -33.49 -23.08
C ASN A 213 3.41 -33.30 -24.55
N THR A 214 3.75 -32.07 -24.96
CA THR A 214 4.11 -31.82 -26.35
C THR A 214 5.35 -32.62 -26.73
N LEU A 215 6.32 -32.71 -25.81
CA LEU A 215 7.52 -33.49 -26.11
C LEU A 215 7.18 -34.98 -26.23
N HIS A 216 6.33 -35.49 -25.34
CA HIS A 216 5.87 -36.87 -25.49
C HIS A 216 5.19 -37.09 -26.85
N THR A 217 4.33 -36.16 -27.27
CA THR A 217 3.70 -36.25 -28.59
C THR A 217 4.74 -36.23 -29.70
N LEU A 218 5.79 -35.42 -29.57
CA LEU A 218 6.84 -35.37 -30.59
C LEU A 218 7.61 -36.68 -30.64
N GLU A 219 7.87 -37.29 -29.48
CA GLU A 219 8.57 -38.57 -29.46
C GLU A 219 7.70 -39.69 -30.06
N GLN A 220 6.40 -39.69 -29.73
CA GLN A 220 5.51 -40.76 -30.17
C GLN A 220 5.32 -40.75 -31.68
N ALA A 221 5.42 -39.59 -32.32
CA ALA A 221 5.32 -39.49 -33.78
C ALA A 221 6.56 -39.97 -34.51
N THR A 222 7.60 -40.42 -33.79
CA THR A 222 8.77 -41.02 -34.40
C THR A 222 9.20 -42.26 -33.63
N GLU A 223 8.23 -43.07 -33.21
CA GLU A 223 8.51 -44.36 -32.55
C GLU A 223 8.40 -45.50 -33.55
N MET B 1 -12.40 0.31 2.30
CA MET B 1 -12.70 0.82 3.65
C MET B 1 -11.81 2.00 4.00
N THR B 2 -10.51 1.84 3.76
CA THR B 2 -9.57 2.92 4.03
C THR B 2 -9.96 4.17 3.26
N GLN B 3 -10.25 4.01 1.96
CA GLN B 3 -10.56 5.17 1.12
C GLN B 3 -11.81 5.89 1.59
N ALA B 4 -12.88 5.13 1.92
CA ALA B 4 -14.12 5.76 2.35
C ALA B 4 -13.92 6.57 3.63
N TRP B 5 -13.18 6.01 4.59
CA TRP B 5 -12.97 6.73 5.84
C TRP B 5 -12.08 7.95 5.64
N LEU B 6 -11.14 7.89 4.68
CA LEU B 6 -10.35 9.07 4.37
C LEU B 6 -11.24 10.18 3.81
N TRP B 7 -12.18 9.84 2.92
CA TRP B 7 -13.10 10.86 2.42
C TRP B 7 -14.01 11.38 3.52
N ILE B 8 -14.43 10.51 4.45
CA ILE B 8 -15.20 10.97 5.59
C ILE B 8 -14.38 11.95 6.42
N GLY B 9 -13.08 11.70 6.55
CA GLY B 9 -12.21 12.67 7.22
C GLY B 9 -12.19 14.01 6.51
N VAL B 10 -11.98 14.01 5.20
CA VAL B 10 -11.97 15.25 4.43
C VAL B 10 -13.26 16.03 4.70
N ILE B 11 -14.41 15.37 4.52
CA ILE B 11 -15.71 16.03 4.67
C ILE B 11 -15.89 16.57 6.08
N SER B 12 -15.58 15.75 7.09
CA SER B 12 -15.81 16.18 8.46
C SER B 12 -14.92 17.37 8.82
N MET B 13 -13.64 17.31 8.45
CA MET B 13 -12.74 18.42 8.77
C MET B 13 -13.12 19.67 7.98
N ALA B 14 -13.57 19.47 6.74
CA ALA B 14 -14.02 20.60 5.94
C ALA B 14 -15.21 21.30 6.60
N LEU B 15 -16.18 20.51 7.11
CA LEU B 15 -17.34 21.10 7.77
C LEU B 15 -16.94 21.84 9.04
N GLY B 16 -16.12 21.20 9.88
CA GLY B 16 -15.61 21.87 11.06
C GLY B 16 -14.93 23.19 10.71
N SER B 17 -14.05 23.16 9.71
CA SER B 17 -13.37 24.36 9.23
C SER B 17 -14.37 25.49 8.94
N VAL B 18 -15.44 25.15 8.21
CA VAL B 18 -16.41 26.16 7.82
C VAL B 18 -17.12 26.73 9.04
N PHE B 19 -17.56 25.84 9.93
CA PHE B 19 -18.20 26.31 11.16
C PHE B 19 -17.29 27.25 11.93
N PHE B 20 -16.07 26.78 12.26
CA PHE B 20 -15.20 27.61 13.09
C PHE B 20 -14.75 28.86 12.34
N GLY B 21 -14.56 28.75 11.02
CA GLY B 21 -14.10 29.90 10.27
C GLY B 21 -15.13 31.02 10.24
N PHE B 22 -16.42 30.66 10.13
CA PHE B 22 -17.48 31.64 10.27
C PHE B 22 -17.45 32.28 11.66
N GLY B 23 -17.40 31.45 12.70
CA GLY B 23 -17.37 31.98 14.06
C GLY B 23 -16.25 32.98 14.27
N ALA B 24 -15.08 32.74 13.65
CA ALA B 24 -13.98 33.69 13.78
C ALA B 24 -14.33 35.04 13.17
N HIS B 25 -15.03 35.01 12.03
CA HIS B 25 -15.37 36.24 11.32
C HIS B 25 -16.45 37.02 12.06
N ASN B 26 -17.39 36.33 12.69
CA ASN B 26 -18.50 36.95 13.41
C ASN B 26 -18.26 37.12 14.89
N ALA B 27 -17.07 36.74 15.39
CA ALA B 27 -16.85 36.58 16.82
C ALA B 27 -17.22 37.84 17.59
N LYS B 28 -17.61 37.65 18.86
CA LYS B 28 -18.16 38.74 19.65
C LYS B 28 -17.07 39.65 20.24
N ASN B 29 -15.87 39.14 20.47
CA ASN B 29 -14.75 39.96 20.94
C ASN B 29 -13.45 39.20 20.68
N GLU B 30 -12.33 39.73 21.18
CA GLU B 30 -11.04 39.16 20.83
C GLU B 30 -10.85 37.76 21.42
N ARG B 31 -11.46 37.47 22.57
CA ARG B 31 -11.33 36.15 23.16
C ARG B 31 -11.97 35.09 22.26
N TRP B 32 -13.15 35.39 21.73
CA TRP B 32 -13.84 34.46 20.85
C TRP B 32 -13.14 34.36 19.50
N GLN B 33 -12.57 35.47 19.01
CA GLN B 33 -11.75 35.42 17.81
C GLN B 33 -10.63 34.40 17.97
N ILE B 34 -9.89 34.49 19.07
CA ILE B 34 -8.75 33.60 19.27
C ILE B 34 -9.21 32.15 19.27
N LEU B 35 -10.25 31.85 20.02
CA LEU B 35 -10.65 30.45 20.19
C LEU B 35 -11.24 29.87 18.90
N TYR B 36 -12.10 30.62 18.21
CA TYR B 36 -12.58 30.18 16.90
C TYR B 36 -11.43 30.02 15.91
N THR B 37 -10.50 30.97 15.92
CA THR B 37 -9.38 30.90 14.97
C THR B 37 -8.48 29.71 15.28
N LEU B 38 -8.23 29.44 16.56
CA LEU B 38 -7.47 28.24 16.94
C LEU B 38 -8.11 26.99 16.35
N ASN B 39 -9.42 26.83 16.55
CA ASN B 39 -10.09 25.63 16.09
C ASN B 39 -10.31 25.63 14.59
N PHE B 40 -10.38 26.80 13.96
CA PHE B 40 -10.41 26.86 12.52
C PHE B 40 -9.16 26.23 11.93
N PHE B 41 -7.97 26.68 12.38
CA PHE B 41 -6.74 26.14 11.80
C PHE B 41 -6.58 24.66 12.12
N ILE B 42 -6.96 24.25 13.33
CA ILE B 42 -6.88 22.84 13.71
C ILE B 42 -7.63 21.99 12.69
N CYS B 43 -8.86 22.39 12.37
CA CYS B 43 -9.66 21.61 11.42
C CYS B 43 -9.16 21.78 9.99
N LEU B 44 -8.68 22.98 9.64
CA LEU B 44 -8.13 23.18 8.31
C LEU B 44 -6.89 22.33 8.10
N ILE B 45 -6.01 22.28 9.09
CA ILE B 45 -4.83 21.42 8.99
C ILE B 45 -5.25 19.98 8.74
N ALA B 46 -6.21 19.50 9.54
CA ALA B 46 -6.67 18.13 9.40
C ALA B 46 -7.38 17.90 8.06
N ALA B 47 -8.05 18.92 7.51
CA ALA B 47 -8.66 18.74 6.20
C ALA B 47 -7.61 18.51 5.14
N GLY B 48 -6.48 19.23 5.22
CA GLY B 48 -5.41 18.99 4.27
C GLY B 48 -4.78 17.62 4.44
N LEU B 49 -4.58 17.20 5.69
CA LEU B 49 -4.09 15.87 5.96
C LEU B 49 -4.92 14.82 5.25
N TYR B 50 -6.24 14.89 5.43
CA TYR B 50 -7.10 13.84 4.92
C TYR B 50 -7.20 13.92 3.40
N LEU B 51 -7.17 15.13 2.82
CA LEU B 51 -7.09 15.26 1.38
C LEU B 51 -5.81 14.63 0.83
N ALA B 52 -4.68 14.89 1.50
CA ALA B 52 -3.43 14.29 1.08
C ALA B 52 -3.53 12.77 1.08
N MET B 53 -3.96 12.19 2.20
CA MET B 53 -4.06 10.73 2.30
C MET B 53 -5.09 10.17 1.32
N ALA B 54 -6.28 10.79 1.24
CA ALA B 54 -7.29 10.29 0.30
C ALA B 54 -6.77 10.31 -1.15
N LEU B 55 -5.94 11.27 -1.49
CA LEU B 55 -5.34 11.35 -2.82
C LEU B 55 -4.10 10.49 -2.96
N GLY B 56 -3.72 9.72 -1.94
CA GLY B 56 -2.58 8.83 -2.02
C GLY B 56 -1.24 9.44 -1.72
N LEU B 57 -1.20 10.59 -1.05
CA LEU B 57 0.05 11.24 -0.70
C LEU B 57 0.42 10.96 0.75
N GLY B 58 1.72 11.03 1.03
CA GLY B 58 2.16 10.91 2.42
C GLY B 58 2.06 9.50 2.96
N VAL B 59 2.05 8.50 2.09
CA VAL B 59 1.99 7.10 2.49
C VAL B 59 3.05 6.34 1.70
N ASN B 60 3.86 5.55 2.41
CA ASN B 60 4.90 4.74 1.80
C ASN B 60 4.90 3.38 2.46
N VAL B 61 5.43 2.40 1.74
CA VAL B 61 5.52 1.04 2.27
C VAL B 61 6.69 1.00 3.23
N ILE B 62 6.39 0.82 4.52
CA ILE B 62 7.38 0.80 5.58
C ILE B 62 7.20 -0.48 6.38
N ASN B 63 8.30 -1.23 6.60
CA ASN B 63 8.22 -2.58 7.17
C ASN B 63 7.15 -3.41 6.45
N GLY B 64 7.07 -3.27 5.13
CA GLY B 64 6.17 -4.08 4.34
C GLY B 64 4.71 -3.71 4.41
N ARG B 65 4.38 -2.51 4.89
CA ARG B 65 2.98 -2.06 5.02
C ARG B 65 2.86 -0.60 4.59
N PRO B 66 1.84 -0.27 3.81
CA PRO B 66 1.50 1.13 3.55
C PRO B 66 1.31 1.90 4.85
N THR B 67 2.15 2.91 5.11
CA THR B 67 2.14 3.64 6.37
C THR B 67 1.95 5.13 6.11
N TYR B 68 0.88 5.69 6.66
CA TYR B 68 0.53 7.10 6.45
C TYR B 68 1.34 7.97 7.41
N TRP B 69 2.64 8.04 7.14
CA TRP B 69 3.54 8.82 7.98
C TRP B 69 3.18 10.30 8.01
N VAL B 70 2.47 10.81 7.01
CA VAL B 70 2.12 12.23 6.97
C VAL B 70 1.26 12.63 8.17
N ARG B 71 0.58 11.69 8.82
CA ARG B 71 -0.18 12.05 10.02
C ARG B 71 0.71 12.78 11.01
N PHE B 72 1.98 12.39 11.11
CA PHE B 72 2.85 13.01 12.10
C PHE B 72 3.20 14.43 11.71
N VAL B 73 3.30 14.70 10.41
CA VAL B 73 3.64 16.05 9.96
C VAL B 73 2.54 17.03 10.34
N THR B 74 1.29 16.69 10.02
CA THR B 74 0.19 17.58 10.35
C THR B 74 -0.18 17.53 11.82
N TRP B 75 -0.08 16.35 12.47
CA TRP B 75 -0.32 16.32 13.91
C TRP B 75 0.63 17.25 14.65
N PHE B 76 1.85 17.37 14.14
CA PHE B 76 2.84 18.24 14.77
C PHE B 76 2.37 19.69 14.77
N CYS B 77 1.55 20.08 13.79
CA CYS B 77 1.02 21.44 13.66
C CYS B 77 -0.33 21.63 14.35
N SER B 78 -1.24 20.64 14.25
CA SER B 78 -2.58 20.80 14.83
C SER B 78 -2.60 20.58 16.34
N THR B 79 -1.89 19.56 16.84
CA THR B 79 -1.99 19.24 18.26
C THR B 79 -1.44 20.32 19.18
N PRO B 80 -0.36 21.05 18.85
CA PRO B 80 -0.02 22.21 19.70
C PRO B 80 -1.15 23.21 19.80
N LEU B 81 -1.88 23.44 18.72
CA LEU B 81 -3.00 24.37 18.75
C LEU B 81 -4.11 23.86 19.66
N LEU B 82 -4.36 22.54 19.67
CA LEU B 82 -5.32 21.99 20.63
C LEU B 82 -4.85 22.24 22.05
N LEU B 83 -3.55 22.06 22.31
CA LEU B 83 -3.01 22.40 23.61
C LEU B 83 -3.18 23.88 23.92
N LEU B 84 -3.09 24.74 22.89
CA LEU B 84 -3.30 26.17 23.13
C LEU B 84 -4.77 26.49 23.44
N ASP B 85 -5.72 25.72 22.92
CA ASP B 85 -7.11 25.86 23.38
C ASP B 85 -7.17 25.82 24.90
N LEU B 86 -6.48 24.85 25.48
CA LEU B 86 -6.53 24.63 26.92
C LEU B 86 -5.79 25.74 27.68
N THR B 87 -4.61 26.13 27.20
CA THR B 87 -3.83 27.10 27.97
C THR B 87 -4.40 28.50 27.83
N PHE B 88 -5.00 28.80 26.68
CA PHE B 88 -5.72 30.07 26.53
C PHE B 88 -6.89 30.16 27.50
N LEU B 89 -7.77 29.13 27.49
CA LEU B 89 -8.87 29.12 28.44
C LEU B 89 -8.36 29.15 29.88
N GLY B 90 -7.28 28.43 30.16
CA GLY B 90 -6.76 28.36 31.51
C GLY B 90 -6.01 29.59 31.99
N ARG B 91 -5.51 30.43 31.08
CA ARG B 91 -4.52 31.46 31.42
C ARG B 91 -3.31 30.84 32.11
N THR B 92 -2.82 29.76 31.52
CA THR B 92 -1.68 29.01 32.03
C THR B 92 -0.39 29.84 31.94
N SER B 93 0.52 29.60 32.88
CA SER B 93 1.81 30.29 32.92
C SER B 93 2.72 29.85 31.79
N LEU B 94 3.74 30.69 31.51
CA LEU B 94 4.64 30.42 30.42
C LEU B 94 5.39 29.10 30.55
N PRO B 95 6.06 28.79 31.68
CA PRO B 95 6.78 27.51 31.73
C PRO B 95 5.87 26.30 31.57
N LEU B 96 4.63 26.36 32.06
CA LEU B 96 3.75 25.19 31.93
C LEU B 96 3.26 25.04 30.48
N THR B 97 2.89 26.15 29.83
CA THR B 97 2.51 26.09 28.42
C THR B 97 3.65 25.58 27.56
N GLY B 98 4.87 26.06 27.81
CA GLY B 98 6.00 25.57 27.04
C GLY B 98 6.30 24.11 27.31
N SER B 99 6.14 23.69 28.57
CA SER B 99 6.33 22.27 28.92
C SER B 99 5.33 21.39 28.19
N LEU B 100 4.07 21.82 28.13
CA LEU B 100 3.05 21.06 27.43
C LEU B 100 3.38 20.91 25.96
N LEU B 101 3.74 22.02 25.32
CA LEU B 101 4.08 22.01 23.90
C LEU B 101 5.36 21.22 23.65
N GLY B 102 6.37 21.40 24.52
CA GLY B 102 7.60 20.63 24.37
C GLY B 102 7.36 19.14 24.52
N ALA B 103 6.60 18.74 25.55
CA ALA B 103 6.30 17.33 25.76
C ALA B 103 5.50 16.77 24.58
N ASN B 104 4.55 17.56 24.08
CA ASN B 104 3.79 17.17 22.91
C ASN B 104 4.69 16.95 21.70
N ALA B 105 5.60 17.88 21.43
CA ALA B 105 6.48 17.73 20.27
C ALA B 105 7.38 16.51 20.44
N TYR B 106 7.93 16.33 21.63
CA TYR B 106 8.73 15.15 21.93
C TYR B 106 7.93 13.88 21.70
N MET B 107 6.67 13.86 22.18
CA MET B 107 5.80 12.70 21.97
C MET B 107 5.66 12.38 20.48
N LEU B 108 5.42 13.39 19.65
CA LEU B 108 5.16 13.12 18.24
C LEU B 108 6.42 12.68 17.50
N VAL B 109 7.55 13.33 17.76
CA VAL B 109 8.78 12.94 17.08
C VAL B 109 9.13 11.49 17.38
N THR B 110 9.08 11.10 18.66
CA THR B 110 9.49 9.74 18.99
C THR B 110 8.44 8.74 18.54
N GLY B 111 7.17 9.16 18.49
CA GLY B 111 6.12 8.31 17.93
C GLY B 111 6.30 8.12 16.44
N PHE B 112 6.71 9.17 15.72
CA PHE B 112 7.14 9.00 14.34
C PHE B 112 8.26 7.98 14.23
N VAL B 113 9.25 8.05 15.12
CA VAL B 113 10.37 7.11 15.05
C VAL B 113 9.87 5.68 15.27
N ALA B 114 8.96 5.49 16.24
CA ALA B 114 8.37 4.17 16.46
C ALA B 114 7.64 3.67 15.22
N THR B 115 7.03 4.60 14.47
CA THR B 115 6.20 4.21 13.34
C THR B 115 7.03 3.75 12.13
N VAL B 116 8.25 4.25 11.96
CA VAL B 116 9.04 3.94 10.77
C VAL B 116 10.20 2.98 11.05
N THR B 117 10.34 2.48 12.26
CA THR B 117 11.39 1.53 12.62
C THR B 117 10.81 0.11 12.75
N PRO B 118 11.63 -0.92 12.57
CA PRO B 118 11.15 -2.30 12.70
C PRO B 118 10.96 -2.70 14.16
N LYS B 119 10.19 -3.78 14.36
CA LYS B 119 10.11 -4.41 15.67
C LYS B 119 11.32 -5.30 15.91
N PRO B 120 11.78 -5.44 17.17
CA PRO B 120 11.21 -4.89 18.40
C PRO B 120 11.70 -3.48 18.77
N MET B 121 12.56 -2.89 17.93
CA MET B 121 13.12 -1.59 18.28
C MET B 121 12.05 -0.51 18.28
N SER B 122 11.07 -0.61 17.39
CA SER B 122 9.95 0.31 17.42
C SER B 122 9.29 0.37 18.80
N TYR B 123 9.33 -0.74 19.56
CA TYR B 123 8.69 -0.73 20.87
C TYR B 123 9.43 0.17 21.86
N ILE B 124 10.75 0.28 21.75
CA ILE B 124 11.49 1.22 22.58
C ILE B 124 10.94 2.63 22.39
N TRP B 125 10.82 3.07 21.13
CA TRP B 125 10.37 4.42 20.86
C TRP B 125 8.90 4.60 21.23
N TYR B 126 8.09 3.53 21.10
CA TYR B 126 6.70 3.62 21.57
C TYR B 126 6.64 3.90 23.07
N ILE B 127 7.47 3.20 23.85
CA ILE B 127 7.52 3.44 25.29
C ILE B 127 8.01 4.85 25.58
N VAL B 128 9.08 5.28 24.89
CA VAL B 128 9.55 6.66 25.04
C VAL B 128 8.42 7.64 24.74
N SER B 129 7.73 7.43 23.63
CA SER B 129 6.61 8.30 23.27
C SER B 129 5.50 8.28 24.32
N CYS B 130 5.16 7.08 24.83
CA CYS B 130 4.16 7.00 25.90
C CYS B 130 4.62 7.74 27.14
N ALA B 131 5.91 7.60 27.51
CA ALA B 131 6.43 8.40 28.62
C ALA B 131 6.16 9.89 28.40
N ALA B 132 6.50 10.40 27.21
CA ALA B 132 6.23 11.81 26.93
C ALA B 132 4.74 12.11 27.07
N TYR B 133 3.88 11.22 26.57
CA TYR B 133 2.45 11.42 26.74
C TYR B 133 2.03 11.39 28.22
N LEU B 134 2.63 10.50 29.02
CA LEU B 134 2.31 10.48 30.44
C LEU B 134 2.71 11.78 31.14
N ALA B 135 3.80 12.42 30.70
CA ALA B 135 4.12 13.76 31.20
C ALA B 135 2.98 14.73 30.92
N ILE B 136 2.40 14.67 29.73
CA ILE B 136 1.29 15.58 29.41
C ILE B 136 0.09 15.27 30.30
N VAL B 137 -0.18 13.99 30.54
CA VAL B 137 -1.28 13.61 31.43
C VAL B 137 -1.10 14.23 32.81
N TYR B 138 0.10 14.06 33.39
CA TYR B 138 0.37 14.67 34.70
C TYR B 138 0.22 16.18 34.63
N LEU B 139 0.85 16.82 33.64
CA LEU B 139 0.82 18.28 33.56
C LEU B 139 -0.61 18.80 33.45
N LEU B 140 -1.45 18.10 32.70
CA LEU B 140 -2.82 18.60 32.52
C LEU B 140 -3.70 18.27 33.71
N ALA B 141 -3.50 17.10 34.31
CA ALA B 141 -4.31 16.67 35.44
C ALA B 141 -3.90 17.31 36.77
N GLN B 142 -2.65 17.76 36.91
CA GLN B 142 -2.28 18.37 38.18
C GLN B 142 -1.91 19.85 37.98
N PRO B 143 -0.68 20.23 37.58
CA PRO B 143 -0.36 21.67 37.56
C PRO B 143 -1.34 22.51 36.74
N TYR B 144 -1.70 22.08 35.52
CA TYR B 144 -2.55 22.92 34.68
C TYR B 144 -3.92 23.12 35.30
N ARG B 145 -4.55 22.02 35.72
CA ARG B 145 -5.92 22.09 36.26
C ARG B 145 -5.94 22.87 37.56
N ILE B 146 -4.91 22.73 38.39
CA ILE B 146 -4.92 23.38 39.69
C ILE B 146 -4.85 24.89 39.51
N ALA B 147 -3.91 25.37 38.71
CA ALA B 147 -3.83 26.80 38.45
C ALA B 147 -5.09 27.31 37.74
N ALA B 148 -5.62 26.53 36.79
CA ALA B 148 -6.81 26.99 36.09
C ALA B 148 -7.99 27.11 37.03
N GLU B 149 -8.14 26.15 37.95
CA GLU B 149 -9.20 26.22 38.94
C GLU B 149 -9.00 27.38 39.90
N ARG B 150 -7.76 27.66 40.30
CA ARG B 150 -7.49 28.78 41.21
C ARG B 150 -7.72 30.13 40.53
N LYS B 151 -7.62 30.20 39.19
CA LYS B 151 -7.95 31.44 38.49
C LYS B 151 -9.42 31.55 38.11
N HIS B 152 -10.18 30.46 38.14
CA HIS B 152 -11.62 30.48 37.90
C HIS B 152 -12.31 29.64 38.96
N PRO B 153 -12.36 30.12 40.21
CA PRO B 153 -12.93 29.28 41.28
C PRO B 153 -14.39 28.92 41.06
N ARG B 154 -15.16 29.75 40.37
CA ARG B 154 -16.57 29.49 40.09
C ARG B 154 -16.78 28.56 38.90
N SER B 155 -15.72 28.01 38.31
CA SER B 155 -15.89 27.15 37.16
C SER B 155 -14.96 25.95 37.23
N LYS B 156 -14.76 25.42 38.44
CA LYS B 156 -13.89 24.25 38.58
C LYS B 156 -14.32 23.13 37.66
N GLN B 157 -15.63 22.84 37.60
CA GLN B 157 -16.10 21.68 36.85
C GLN B 157 -15.76 21.81 35.37
N ALA B 158 -15.85 23.03 34.82
CA ALA B 158 -15.63 23.21 33.39
C ALA B 158 -14.23 22.75 32.99
N PHE B 159 -13.23 23.05 33.82
CA PHE B 159 -11.87 22.63 33.53
C PHE B 159 -11.64 21.16 33.79
N ARG B 160 -12.29 20.60 34.80
CA ARG B 160 -12.20 19.16 35.03
C ARG B 160 -12.78 18.39 33.85
N THR B 161 -13.91 18.87 33.33
CA THR B 161 -14.52 18.24 32.17
C THR B 161 -13.63 18.39 30.93
N LEU B 162 -13.09 19.58 30.72
CA LEU B 162 -12.24 19.85 29.55
C LEU B 162 -10.99 18.96 29.56
N VAL B 163 -10.34 18.84 30.71
CA VAL B 163 -9.14 18.03 30.78
C VAL B 163 -9.48 16.55 30.63
N THR B 164 -10.57 16.11 31.28
CA THR B 164 -10.96 14.71 31.22
C THR B 164 -11.25 14.26 29.80
N VAL B 165 -12.05 15.05 29.06
CA VAL B 165 -12.34 14.70 27.67
C VAL B 165 -11.06 14.63 26.86
N HIS B 166 -10.17 15.61 27.06
CA HIS B 166 -8.91 15.65 26.32
C HIS B 166 -8.12 14.36 26.55
N LEU B 167 -7.95 13.97 27.80
CA LEU B 167 -7.12 12.82 28.12
C LEU B 167 -7.77 11.52 27.66
N VAL B 168 -9.11 11.45 27.73
CA VAL B 168 -9.80 10.26 27.24
C VAL B 168 -9.54 10.08 25.75
N LEU B 169 -9.73 11.14 24.97
CA LEU B 169 -9.55 11.07 23.53
C LEU B 169 -8.10 10.79 23.14
N TRP B 170 -7.16 11.53 23.74
CA TRP B 170 -5.77 11.37 23.35
C TRP B 170 -5.23 10.02 23.78
N THR B 171 -5.67 9.48 24.94
CA THR B 171 -5.15 8.21 25.40
C THR B 171 -5.48 7.09 24.42
N LEU B 172 -6.56 7.24 23.66
CA LEU B 172 -6.96 6.19 22.74
C LEU B 172 -6.02 6.07 21.56
N TYR B 173 -5.25 7.13 21.22
CA TYR B 173 -4.33 7.03 20.09
C TYR B 173 -3.24 5.97 20.33
N PRO B 174 -2.47 5.99 21.42
CA PRO B 174 -1.49 4.91 21.61
C PRO B 174 -2.14 3.55 21.78
N ILE B 175 -3.39 3.49 22.21
CA ILE B 175 -4.09 2.19 22.26
C ILE B 175 -4.30 1.65 20.85
N VAL B 176 -4.80 2.49 19.95
CA VAL B 176 -4.97 2.07 18.55
C VAL B 176 -3.63 1.63 17.95
N TRP B 177 -2.60 2.45 18.12
CA TRP B 177 -1.28 2.13 17.56
C TRP B 177 -0.81 0.76 18.01
N ILE B 178 -0.79 0.51 19.32
CA ILE B 178 -0.26 -0.75 19.82
C ILE B 178 -1.13 -1.96 19.47
N LEU B 179 -2.41 -1.79 19.18
CA LEU B 179 -3.21 -2.94 18.76
C LEU B 179 -3.26 -3.10 17.25
N SER B 180 -2.84 -2.07 16.51
CA SER B 180 -2.76 -2.05 15.06
C SER B 180 -1.64 -2.98 14.57
N PRO B 181 -1.51 -3.17 13.24
CA PRO B 181 -0.35 -3.94 12.72
C PRO B 181 0.99 -3.37 13.17
N GLU B 182 1.01 -2.18 13.75
CA GLU B 182 2.22 -1.58 14.27
C GLU B 182 2.67 -2.19 15.59
N GLY B 183 1.78 -2.89 16.29
CA GLY B 183 2.16 -3.63 17.47
C GLY B 183 1.66 -5.07 17.43
N PHE B 184 0.64 -5.38 18.24
CA PHE B 184 0.15 -6.75 18.34
C PHE B 184 -0.70 -7.19 17.15
N SER B 185 -1.12 -6.26 16.28
CA SER B 185 -1.75 -6.63 15.02
C SER B 185 -3.08 -7.34 15.22
N THR B 186 -3.96 -6.75 16.04
CA THR B 186 -5.25 -7.35 16.32
C THR B 186 -6.34 -6.91 15.36
N PHE B 187 -6.08 -5.92 14.51
CA PHE B 187 -7.03 -5.53 13.45
C PHE B 187 -6.23 -5.04 12.26
N THR B 188 -6.94 -4.83 11.15
CA THR B 188 -6.36 -4.54 9.84
C THR B 188 -6.29 -3.03 9.56
N GLN B 189 -5.53 -2.67 8.52
CA GLN B 189 -5.32 -1.27 8.17
C GLN B 189 -6.65 -0.56 7.97
N GLY B 190 -7.62 -1.21 7.31
CA GLY B 190 -8.93 -0.59 7.10
C GLY B 190 -9.57 -0.14 8.40
N SER B 191 -9.43 -0.93 9.46
CA SER B 191 -9.99 -0.56 10.76
C SER B 191 -9.12 0.49 11.44
N GLU B 192 -7.79 0.39 11.29
CA GLU B 192 -6.88 1.41 11.82
C GLU B 192 -7.22 2.79 11.25
N THR B 193 -7.44 2.88 9.94
CA THR B 193 -7.84 4.15 9.34
C THR B 193 -9.12 4.67 9.97
N MET B 194 -10.13 3.81 10.12
CA MET B 194 -11.40 4.22 10.71
C MET B 194 -11.20 4.72 12.14
N PHE B 195 -10.42 4.00 12.95
CA PHE B 195 -10.19 4.43 14.33
C PHE B 195 -9.54 5.81 14.39
N TYR B 196 -8.45 6.01 13.64
CA TYR B 196 -7.79 7.32 13.66
C TYR B 196 -8.70 8.41 13.10
N THR B 197 -9.51 8.07 12.09
CA THR B 197 -10.42 9.08 11.56
C THR B 197 -11.46 9.47 12.59
N LEU B 198 -12.04 8.49 13.30
CA LEU B 198 -13.02 8.81 14.33
C LEU B 198 -12.36 9.57 15.47
N LEU B 199 -11.13 9.20 15.84
CA LEU B 199 -10.47 9.91 16.93
C LEU B 199 -10.16 11.35 16.54
N ASP B 200 -9.70 11.56 15.30
CA ASP B 200 -9.38 12.91 14.83
C ASP B 200 -10.62 13.79 14.75
N ILE B 201 -11.77 13.21 14.36
CA ILE B 201 -13.00 14.00 14.36
C ILE B 201 -13.41 14.36 15.78
N ALA B 202 -13.36 13.40 16.71
CA ALA B 202 -13.75 13.71 18.09
C ALA B 202 -12.82 14.75 18.72
N SER B 203 -11.51 14.61 18.52
CA SER B 203 -10.58 15.48 19.24
C SER B 203 -10.30 16.80 18.54
N LYS B 204 -10.84 17.02 17.36
CA LYS B 204 -10.72 18.31 16.69
C LYS B 204 -12.07 19.00 16.56
N VAL B 205 -13.03 18.44 15.82
CA VAL B 205 -14.38 19.00 15.78
C VAL B 205 -15.06 18.91 17.15
N GLY B 206 -15.09 17.72 17.74
CA GLY B 206 -15.79 17.56 19.00
C GLY B 206 -15.15 18.37 20.11
N PHE B 207 -13.84 18.24 20.27
CA PHE B 207 -13.17 19.03 21.28
C PHE B 207 -13.27 20.52 20.99
N GLY B 208 -13.22 20.90 19.70
CA GLY B 208 -13.45 22.29 19.33
C GLY B 208 -14.74 22.84 19.92
N PHE B 209 -15.85 22.12 19.74
CA PHE B 209 -17.13 22.53 20.29
C PHE B 209 -17.06 22.65 21.81
N LEU B 210 -16.47 21.65 22.46
CA LEU B 210 -16.38 21.68 23.92
C LEU B 210 -15.62 22.90 24.40
N SER B 211 -14.54 23.25 23.68
CA SER B 211 -13.77 24.44 24.04
C SER B 211 -14.63 25.70 23.94
N LEU B 212 -15.44 25.79 22.89
CA LEU B 212 -16.32 26.94 22.73
C LEU B 212 -17.36 27.00 23.84
N ASN B 213 -18.00 25.85 24.13
CA ASN B 213 -18.91 25.79 25.27
C ASN B 213 -18.22 26.15 26.56
N THR B 214 -16.95 25.75 26.71
CA THR B 214 -16.22 26.08 27.93
C THR B 214 -16.03 27.58 28.08
N LEU B 215 -15.70 28.28 26.99
CA LEU B 215 -15.57 29.73 27.08
C LEU B 215 -16.90 30.38 27.40
N HIS B 216 -17.99 29.86 26.85
CA HIS B 216 -19.33 30.33 27.20
C HIS B 216 -19.58 30.20 28.70
N THR B 217 -19.21 29.06 29.29
CA THR B 217 -19.42 28.84 30.72
C THR B 217 -18.59 29.81 31.56
N LEU B 218 -17.32 30.00 31.20
CA LEU B 218 -16.47 30.90 31.98
C LEU B 218 -16.99 32.33 31.95
N GLU B 219 -17.58 32.75 30.82
CA GLU B 219 -18.07 34.11 30.72
C GLU B 219 -19.43 34.30 31.37
N GLN B 220 -20.24 33.25 31.46
CA GLN B 220 -21.47 33.34 32.25
C GLN B 220 -21.17 33.46 33.74
N ALA B 221 -20.06 32.85 34.20
CA ALA B 221 -19.72 32.89 35.61
C ALA B 221 -19.25 34.26 36.07
N THR B 222 -18.94 35.16 35.13
CA THR B 222 -18.54 36.52 35.48
C THR B 222 -19.74 37.47 35.53
N GLU B 223 -20.61 37.41 34.54
CA GLU B 223 -21.82 38.23 34.53
C GLU B 223 -22.86 37.67 35.49
#